data_6ASH
#
_entry.id   6ASH
#
_cell.length_a   39.480
_cell.length_b   60.400
_cell.length_c   44.150
_cell.angle_alpha   90.00
_cell.angle_beta   95.12
_cell.angle_gamma   90.00
#
_symmetry.space_group_name_H-M   'P 1 21 1'
#
loop_
_entity.id
_entity.type
_entity.pdbx_description
1 polymer 'Cathepsin K'
2 non-polymer '2-{[(carbamoylsulfanyl)acetyl]amino}benzoic acid'
3 water water
#
_entity_poly.entity_id   1
_entity_poly.type   'polypeptide(L)'
_entity_poly.pdbx_seq_one_letter_code
;APDSVDYRKKGYVTPVKNQGQCGSCWAFSSVGALEGQLKKKTGKLLNLAPQNLVDCVSENDGCGGGYMTNAFQYVQKNRG
IDSEDAYPYVGQEESCMYNPTGKAAKCRGYREIPEGNEKALKRAVARVGPVSVAIDASLTSFQFYSKGVYYDESCNSDNL
NHAVLAVGYGIQKGNKHWIIKNSWGENWGNKGYILMARNKNNACGIANLASFPKM
;
_entity_poly.pdbx_strand_id   A
#
loop_
_chem_comp.id
_chem_comp.type
_chem_comp.name
_chem_comp.formula
1XF non-polymer '2-{[(carbamoylsulfanyl)acetyl]amino}benzoic acid' 'C10 H10 N2 O4 S'
#
# COMPACT_ATOMS: atom_id res chain seq x y z
N ALA A 1 -12.04 -18.27 -7.44
CA ALA A 1 -11.11 -17.16 -7.59
C ALA A 1 -9.91 -17.54 -8.46
N PRO A 2 -9.23 -16.54 -9.07
CA PRO A 2 -7.99 -16.92 -9.76
C PRO A 2 -6.98 -17.51 -8.77
N ASP A 3 -6.21 -18.49 -9.21
CA ASP A 3 -5.24 -19.14 -8.32
C ASP A 3 -4.05 -18.23 -8.04
N SER A 4 -3.75 -17.37 -8.99
CA SER A 4 -2.69 -16.41 -8.77
C SER A 4 -2.99 -15.12 -9.50
N VAL A 5 -2.57 -13.99 -8.91
CA VAL A 5 -2.81 -12.69 -9.46
C VAL A 5 -1.54 -11.89 -9.26
N ASP A 6 -1.13 -11.11 -10.28
CA ASP A 6 0.03 -10.21 -10.14
C ASP A 6 -0.24 -8.97 -10.97
N TYR A 7 -0.68 -7.90 -10.30
CA TYR A 7 -1.05 -6.67 -11.02
C TYR A 7 0.14 -5.96 -11.68
N ARG A 8 1.38 -6.34 -11.31
CA ARG A 8 2.52 -5.80 -12.04
C ARG A 8 2.43 -6.21 -13.52
N LYS A 9 1.90 -7.40 -13.79
CA LYS A 9 1.79 -7.92 -15.17
C LYS A 9 0.64 -7.25 -15.93
N LYS A 10 -0.19 -6.46 -15.23
CA LYS A 10 -1.29 -5.74 -15.89
C LYS A 10 -0.97 -4.25 -16.06
N GLY A 11 0.21 -3.81 -15.61
CA GLY A 11 0.53 -2.39 -15.73
C GLY A 11 -0.19 -1.52 -14.72
N TYR A 12 -0.57 -2.08 -13.57
CA TYR A 12 -1.28 -1.31 -12.53
C TYR A 12 -0.36 -0.78 -11.46
N VAL A 13 0.94 -1.09 -11.53
CA VAL A 13 1.83 -0.82 -10.40
C VAL A 13 3.00 0.02 -10.85
N THR A 14 3.24 1.13 -10.14
CA THR A 14 4.33 2.03 -10.48
C THR A 14 5.64 1.50 -9.87
N PRO A 15 6.79 2.11 -10.21
CA PRO A 15 8.04 1.63 -9.60
C PRO A 15 8.02 1.74 -8.08
N VAL A 16 8.88 0.93 -7.47
CA VAL A 16 9.07 0.96 -6.03
C VAL A 16 9.66 2.33 -5.63
N LYS A 17 9.13 2.91 -4.56
CA LYS A 17 9.60 4.21 -4.05
C LYS A 17 10.37 4.01 -2.74
N ASN A 18 10.96 5.10 -2.27
CA ASN A 18 11.74 5.08 -1.04
C ASN A 18 11.28 6.22 -0.13
N GLN A 19 10.65 5.84 0.97
CA GLN A 19 10.10 6.82 1.89
C GLN A 19 11.16 7.62 2.64
N GLY A 20 12.41 7.16 2.61
CA GLY A 20 13.45 7.88 3.34
C GLY A 20 13.25 7.82 4.86
N GLN A 21 13.68 8.87 5.53
CA GLN A 21 13.68 8.86 6.98
C GLN A 21 12.33 9.25 7.57
N CYS A 22 11.35 9.50 6.73
CA CYS A 22 10.03 9.88 7.13
C CYS A 22 9.12 8.65 7.28
N GLY A 23 8.36 8.55 8.36
CA GLY A 23 7.45 7.42 8.61
C GLY A 23 6.13 7.57 7.84
N SER A 24 6.25 7.62 6.51
CA SER A 24 5.12 7.95 5.65
C SER A 24 4.69 6.73 4.86
N CYS A 25 5.03 5.54 5.34
CA CYS A 25 4.62 4.32 4.64
C CYS A 25 3.11 4.31 4.33
N TRP A 26 2.30 4.82 5.25
CA TRP A 26 0.85 4.89 5.03
C TRP A 26 0.48 5.67 3.77
N ALA A 27 1.25 6.71 3.50
CA ALA A 27 1.01 7.55 2.32
C ALA A 27 1.41 6.82 1.05
N PHE A 28 2.53 6.10 1.11
CA PHE A 28 2.93 5.31 -0.06
C PHE A 28 1.93 4.19 -0.33
N SER A 29 1.48 3.52 0.72
CA SER A 29 0.48 2.44 0.58
C SER A 29 -0.80 3.00 -0.07
N SER A 30 -1.22 4.18 0.40
CA SER A 30 -2.45 4.81 -0.07
C SER A 30 -2.29 5.20 -1.53
N VAL A 31 -1.17 5.86 -1.89
CA VAL A 31 -0.98 6.23 -3.28
C VAL A 31 -0.92 4.98 -4.17
N GLY A 32 -0.31 3.90 -3.71
CA GLY A 32 -0.26 2.68 -4.53
C GLY A 32 -1.65 2.14 -4.84
N ALA A 33 -2.53 2.14 -3.84
CA ALA A 33 -3.88 1.66 -4.10
C ALA A 33 -4.63 2.60 -5.03
N LEU A 34 -4.44 3.92 -4.85
CA LEU A 34 -5.07 4.90 -5.77
C LEU A 34 -4.53 4.77 -7.19
N GLU A 35 -3.22 4.53 -7.33
CA GLU A 35 -2.60 4.32 -8.64
C GLU A 35 -3.21 3.15 -9.36
N GLY A 36 -3.46 2.07 -8.62
CA GLY A 36 -4.03 0.88 -9.24
C GLY A 36 -5.44 1.16 -9.73
N GLN A 37 -6.25 1.84 -8.92
CA GLN A 37 -7.61 2.14 -9.34
C GLN A 37 -7.67 3.13 -10.48
N LEU A 38 -6.74 4.10 -10.50
CA LEU A 38 -6.70 5.05 -11.60
C LEU A 38 -6.37 4.33 -12.91
N LYS A 39 -5.41 3.41 -12.89
CA LYS A 39 -5.06 2.64 -14.09
C LYS A 39 -6.26 1.82 -14.56
N LYS A 40 -6.89 1.10 -13.62
CA LYS A 40 -8.03 0.25 -13.95
C LYS A 40 -9.17 1.06 -14.56
N LYS A 41 -9.42 2.27 -14.05
CA LYS A 41 -10.55 3.07 -14.52
C LYS A 41 -10.26 3.74 -15.85
N THR A 42 -9.02 4.19 -16.06
CA THR A 42 -8.75 5.14 -17.16
C THR A 42 -7.69 4.67 -18.14
N GLY A 43 -6.93 3.64 -17.77
CA GLY A 43 -5.82 3.19 -18.60
C GLY A 43 -4.53 3.94 -18.35
N LYS A 44 -4.55 4.97 -17.51
CA LYS A 44 -3.34 5.75 -17.21
C LYS A 44 -2.65 5.26 -15.95
N LEU A 45 -1.36 4.93 -16.06
CA LEU A 45 -0.52 4.64 -14.91
C LEU A 45 0.33 5.87 -14.62
N LEU A 46 0.20 6.41 -13.43
CA LEU A 46 0.97 7.61 -13.07
C LEU A 46 1.35 7.59 -11.61
N ASN A 47 2.54 8.09 -11.27
CA ASN A 47 2.90 8.26 -9.87
C ASN A 47 2.04 9.35 -9.21
N LEU A 48 1.36 9.03 -8.13
CA LEU A 48 0.60 10.01 -7.37
C LEU A 48 1.45 10.45 -6.18
N ALA A 49 1.06 11.53 -5.51
CA ALA A 49 1.96 12.24 -4.58
C ALA A 49 1.79 11.86 -3.11
N PRO A 50 2.66 11.00 -2.57
CA PRO A 50 2.56 10.75 -1.11
C PRO A 50 2.78 12.02 -0.29
N GLN A 51 3.58 12.99 -0.78
CA GLN A 51 3.80 14.21 0.00
C GLN A 51 2.52 14.97 0.19
N ASN A 52 1.63 14.88 -0.79
CA ASN A 52 0.34 15.55 -0.73
C ASN A 52 -0.40 15.03 0.50
N LEU A 53 -0.36 13.71 0.69
CA LEU A 53 -1.02 13.09 1.84
C LEU A 53 -0.30 13.42 3.15
N VAL A 54 1.02 13.30 3.17
CA VAL A 54 1.76 13.59 4.40
C VAL A 54 1.42 14.96 4.92
N ASP A 55 1.42 15.95 4.03
CA ASP A 55 1.26 17.35 4.47
C ASP A 55 -0.19 17.76 4.72
N CYS A 56 -1.15 17.08 4.09
CA CYS A 56 -2.50 17.62 4.02
C CYS A 56 -3.52 16.79 4.76
N VAL A 57 -3.23 15.54 5.09
CA VAL A 57 -4.21 14.74 5.85
C VAL A 57 -4.09 15.11 7.34
N SER A 58 -4.91 16.07 7.75
CA SER A 58 -4.83 16.59 9.14
C SER A 58 -5.13 15.53 10.20
N GLU A 59 -5.91 14.51 9.83
CA GLU A 59 -6.29 13.45 10.79
C GLU A 59 -5.15 12.44 11.00
N ASN A 60 -4.11 12.49 10.16
CA ASN A 60 -2.94 11.64 10.32
C ASN A 60 -1.80 12.47 10.89
N ASP A 61 -0.65 11.84 11.14
CA ASP A 61 0.42 12.50 11.85
C ASP A 61 1.66 12.62 10.96
N GLY A 62 1.46 12.83 9.66
CA GLY A 62 2.60 13.09 8.77
C GLY A 62 3.66 12.00 8.79
N CYS A 63 4.89 12.40 9.12
CA CYS A 63 5.99 11.45 9.19
C CYS A 63 5.93 10.62 10.47
N GLY A 64 4.97 10.92 11.36
CA GLY A 64 4.82 10.16 12.58
C GLY A 64 3.81 9.04 12.45
N GLY A 65 3.22 8.83 11.28
CA GLY A 65 2.32 7.72 11.03
C GLY A 65 0.93 8.20 10.63
N GLY A 66 0.08 7.24 10.29
CA GLY A 66 -1.24 7.58 9.78
C GLY A 66 -1.99 6.36 9.31
N TYR A 67 -3.28 6.55 9.02
CA TYR A 67 -4.13 5.50 8.51
C TYR A 67 -4.41 5.73 7.01
N MET A 68 -4.43 4.63 6.25
CA MET A 68 -4.75 4.72 4.83
C MET A 68 -6.20 5.14 4.60
N THR A 69 -7.11 4.69 5.45
CA THR A 69 -8.49 5.11 5.32
C THR A 69 -8.64 6.64 5.45
N ASN A 70 -7.89 7.25 6.36
CA ASN A 70 -7.93 8.71 6.49
C ASN A 70 -7.42 9.35 5.21
N ALA A 71 -6.40 8.72 4.58
CA ALA A 71 -5.85 9.27 3.34
C ALA A 71 -6.91 9.23 2.23
N PHE A 72 -7.61 8.11 2.09
CA PHE A 72 -8.64 8.02 1.07
C PHE A 72 -9.77 9.03 1.30
N GLN A 73 -10.19 9.17 2.55
CA GLN A 73 -11.23 10.16 2.90
C GLN A 73 -10.77 11.57 2.55
N TYR A 74 -9.49 11.89 2.82
CA TYR A 74 -8.96 13.20 2.46
C TYR A 74 -9.08 13.39 0.94
N VAL A 75 -8.65 12.40 0.16
CA VAL A 75 -8.70 12.59 -1.30
C VAL A 75 -10.14 12.83 -1.76
N GLN A 76 -11.08 12.10 -1.18
CA GLN A 76 -12.50 12.29 -1.49
C GLN A 76 -12.97 13.71 -1.11
N LYS A 77 -12.74 14.14 0.11
CA LYS A 77 -13.27 15.42 0.58
C LYS A 77 -12.54 16.62 -0.04
N ASN A 78 -11.28 16.44 -0.37
CA ASN A 78 -10.47 17.44 -1.03
C ASN A 78 -10.80 17.55 -2.50
N ARG A 79 -11.50 16.56 -3.04
CA ARG A 79 -11.82 16.43 -4.48
C ARG A 79 -10.57 16.31 -5.32
N GLY A 80 -9.54 15.65 -4.79
CA GLY A 80 -8.37 15.39 -5.62
C GLY A 80 -7.10 15.05 -4.85
N ILE A 81 -6.17 14.43 -5.55
CA ILE A 81 -4.80 14.26 -5.11
C ILE A 81 -3.89 14.61 -6.28
N ASP A 82 -2.77 15.26 -5.98
CA ASP A 82 -1.81 15.62 -7.02
C ASP A 82 -1.02 14.45 -7.52
N SER A 83 -0.49 14.57 -8.74
CA SER A 83 0.58 13.69 -9.20
C SER A 83 1.85 13.96 -8.41
N GLU A 84 2.73 12.97 -8.35
CA GLU A 84 4.08 13.14 -7.81
C GLU A 84 4.80 14.29 -8.50
N ASP A 85 4.68 14.41 -9.81
CA ASP A 85 5.36 15.51 -10.50
C ASP A 85 4.87 16.87 -10.03
N ALA A 86 3.57 17.01 -9.75
CA ALA A 86 3.01 18.29 -9.30
C ALA A 86 3.30 18.58 -7.83
N TYR A 87 3.59 17.55 -7.04
CA TYR A 87 3.80 17.74 -5.60
C TYR A 87 4.87 16.75 -5.13
N PRO A 88 6.13 17.03 -5.43
CA PRO A 88 7.19 16.04 -5.25
C PRO A 88 7.42 15.63 -3.81
N TYR A 89 7.89 14.40 -3.65
CA TYR A 89 8.18 13.90 -2.30
C TYR A 89 9.49 14.43 -1.78
N VAL A 90 9.45 15.03 -0.58
CA VAL A 90 10.64 15.62 0.03
C VAL A 90 10.99 14.92 1.36
N GLY A 91 10.11 14.06 1.88
CA GLY A 91 10.48 13.25 3.02
C GLY A 91 10.59 14.00 4.33
N GLN A 92 9.89 15.11 4.42
CA GLN A 92 9.80 15.86 5.65
C GLN A 92 8.44 16.53 5.73
N GLU A 93 8.05 16.95 6.93
CA GLU A 93 6.77 17.61 7.13
C GLU A 93 6.84 19.07 6.76
N GLU A 94 5.73 19.59 6.25
CA GLU A 94 5.66 20.99 5.83
C GLU A 94 4.21 21.35 5.70
N SER A 95 3.93 22.62 5.41
CA SER A 95 2.56 23.04 5.16
C SER A 95 1.96 22.35 3.95
N CYS A 96 0.64 22.21 3.95
CA CYS A 96 -0.07 21.65 2.81
C CYS A 96 0.03 22.59 1.62
N MET A 97 0.54 22.07 0.52
CA MET A 97 0.71 22.89 -0.69
C MET A 97 0.03 22.24 -1.87
N TYR A 98 -1.10 21.60 -1.60
CA TYR A 98 -1.90 20.98 -2.65
C TYR A 98 -2.22 22.02 -3.74
N ASN A 99 -2.06 21.63 -5.00
CA ASN A 99 -2.30 22.52 -6.12
C ASN A 99 -3.33 21.84 -7.02
N PRO A 100 -4.53 22.40 -7.12
CA PRO A 100 -5.59 21.73 -7.90
C PRO A 100 -5.27 21.63 -9.39
N THR A 101 -4.34 22.41 -9.93
CA THR A 101 -4.03 22.26 -11.34
C THR A 101 -3.24 20.97 -11.61
N GLY A 102 -2.61 20.41 -10.57
CA GLY A 102 -1.83 19.17 -10.70
C GLY A 102 -2.57 17.96 -10.25
N LYS A 103 -3.86 18.11 -9.95
CA LYS A 103 -4.71 16.98 -9.58
C LYS A 103 -4.66 15.93 -10.67
N ALA A 104 -4.53 14.65 -10.29
CA ALA A 104 -4.46 13.56 -11.25
C ALA A 104 -5.41 12.40 -10.93
N ALA A 105 -6.01 12.40 -9.74
CA ALA A 105 -7.02 11.38 -9.42
C ALA A 105 -8.01 11.91 -8.42
N LYS A 106 -9.21 11.33 -8.44
CA LYS A 106 -10.23 11.57 -7.46
C LYS A 106 -10.59 10.27 -6.76
N CYS A 107 -11.26 10.40 -5.62
CA CYS A 107 -11.69 9.24 -4.84
C CYS A 107 -13.13 9.41 -4.40
N ARG A 108 -13.92 8.36 -4.55
CA ARG A 108 -15.34 8.42 -4.17
C ARG A 108 -15.62 7.73 -2.85
N GLY A 109 -14.58 7.49 -2.07
CA GLY A 109 -14.77 6.80 -0.80
C GLY A 109 -13.79 5.63 -0.68
N TYR A 110 -14.01 4.81 0.32
CA TYR A 110 -13.12 3.68 0.57
C TYR A 110 -13.91 2.50 1.11
N ARG A 111 -13.31 1.34 1.09
CA ARG A 111 -13.91 0.11 1.60
C ARG A 111 -12.87 -0.60 2.44
N GLU A 112 -13.33 -1.30 3.47
CA GLU A 112 -12.44 -2.06 4.36
C GLU A 112 -12.72 -3.55 4.23
N ILE A 113 -11.68 -4.34 4.35
CA ILE A 113 -11.76 -5.79 4.39
C ILE A 113 -12.09 -6.19 5.82
N PRO A 114 -13.00 -7.14 5.99
CA PRO A 114 -13.29 -7.58 7.39
C PRO A 114 -12.03 -8.02 8.12
N GLU A 115 -11.90 -7.58 9.38
CA GLU A 115 -10.66 -7.81 10.14
C GLU A 115 -10.30 -9.29 10.22
N GLY A 116 -9.10 -9.62 9.80
CA GLY A 116 -8.57 -10.95 9.94
C GLY A 116 -8.93 -11.91 8.83
N ASN A 117 -9.69 -11.44 7.85
CA ASN A 117 -10.24 -12.37 6.86
C ASN A 117 -9.36 -12.38 5.59
N GLU A 118 -8.43 -13.34 5.52
CA GLU A 118 -7.54 -13.46 4.37
C GLU A 118 -8.23 -13.87 3.08
N LYS A 119 -9.33 -14.62 3.17
CA LYS A 119 -10.11 -15.00 1.98
C LYS A 119 -10.73 -13.76 1.39
N ALA A 120 -11.26 -12.88 2.24
CA ALA A 120 -11.84 -11.60 1.76
C ALA A 120 -10.73 -10.72 1.15
N LEU A 121 -9.55 -10.72 1.75
CA LEU A 121 -8.45 -9.94 1.18
C LEU A 121 -8.11 -10.48 -0.20
N LYS A 122 -8.06 -11.81 -0.34
CA LYS A 122 -7.74 -12.44 -1.62
C LYS A 122 -8.81 -12.04 -2.66
N ARG A 123 -10.09 -12.00 -2.24
CA ARG A 123 -11.19 -11.67 -3.14
C ARG A 123 -11.04 -10.21 -3.59
N ALA A 124 -10.65 -9.32 -2.69
CA ALA A 124 -10.46 -7.92 -3.01
C ALA A 124 -9.33 -7.77 -3.99
N VAL A 125 -8.20 -8.43 -3.77
CA VAL A 125 -7.08 -8.30 -4.69
C VAL A 125 -7.55 -8.81 -6.06
N ALA A 126 -8.26 -9.94 -6.12
CA ALA A 126 -8.69 -10.52 -7.40
C ALA A 126 -9.70 -9.61 -8.12
N ARG A 127 -10.66 -9.03 -7.41
CA ARG A 127 -11.78 -8.40 -8.07
C ARG A 127 -11.65 -6.88 -8.15
N VAL A 128 -10.83 -6.28 -7.26
CA VAL A 128 -10.73 -4.83 -7.17
C VAL A 128 -9.42 -4.34 -7.71
N GLY A 129 -8.32 -4.87 -7.19
CA GLY A 129 -7.01 -4.39 -7.57
C GLY A 129 -6.09 -4.38 -6.36
N PRO A 130 -4.92 -3.75 -6.48
CA PRO A 130 -4.00 -3.65 -5.32
C PRO A 130 -4.70 -3.07 -4.08
N VAL A 131 -4.40 -3.65 -2.92
CA VAL A 131 -5.06 -3.28 -1.67
C VAL A 131 -4.05 -2.77 -0.67
N SER A 132 -4.38 -1.68 0.04
CA SER A 132 -3.51 -1.18 1.11
C SER A 132 -3.64 -2.07 2.33
N VAL A 133 -2.51 -2.52 2.88
CA VAL A 133 -2.54 -3.35 4.09
C VAL A 133 -1.54 -2.84 5.10
N ALA A 134 -1.77 -3.18 6.36
CA ALA A 134 -0.78 -2.91 7.42
C ALA A 134 -0.28 -4.20 8.03
N ILE A 135 0.98 -4.23 8.43
CA ILE A 135 1.59 -5.43 8.95
C ILE A 135 2.51 -5.11 10.13
N ASP A 136 2.91 -6.15 10.83
CA ASP A 136 4.05 -6.08 11.75
C ASP A 136 5.32 -6.30 10.94
N ALA A 137 6.07 -5.21 10.70
CA ALA A 137 7.33 -5.28 9.96
C ALA A 137 8.54 -5.05 10.88
N SER A 138 8.33 -5.24 12.18
CA SER A 138 9.35 -4.85 13.19
C SER A 138 10.50 -5.84 13.35
N LEU A 139 10.30 -7.08 12.93
CA LEU A 139 11.31 -8.12 13.18
C LEU A 139 12.53 -7.95 12.29
N THR A 140 13.71 -8.23 12.85
CA THR A 140 14.91 -8.20 12.02
C THR A 140 14.78 -9.19 10.85
N SER A 141 14.03 -10.26 11.03
CA SER A 141 13.77 -11.22 9.93
C SER A 141 13.09 -10.57 8.72
N PHE A 142 12.18 -9.62 8.99
CA PHE A 142 11.55 -8.85 7.94
C PHE A 142 12.54 -7.81 7.42
N GLN A 143 13.21 -7.11 8.31
CA GLN A 143 14.18 -6.08 7.91
C GLN A 143 15.20 -6.59 6.90
N PHE A 144 15.65 -7.84 7.08
CA PHE A 144 16.73 -8.40 6.28
C PHE A 144 16.24 -9.43 5.26
N TYR A 145 14.92 -9.43 5.00
CA TYR A 145 14.37 -10.30 3.99
C TYR A 145 15.08 -10.10 2.63
N SER A 146 15.34 -11.21 1.92
CA SER A 146 15.87 -11.11 0.56
C SER A 146 15.05 -11.90 -0.47
N LYS A 147 14.62 -13.13 -0.11
CA LYS A 147 13.91 -13.97 -1.07
C LYS A 147 13.08 -15.06 -0.38
N GLY A 148 12.22 -15.70 -1.16
CA GLY A 148 11.39 -16.78 -0.64
C GLY A 148 10.09 -16.24 -0.04
N VAL A 149 9.32 -17.13 0.58
CA VAL A 149 8.06 -16.70 1.21
C VAL A 149 8.34 -16.45 2.68
N TYR A 150 8.20 -15.21 3.07
CA TYR A 150 8.49 -14.79 4.45
C TYR A 150 7.43 -15.30 5.41
N TYR A 151 7.88 -16.03 6.43
CA TYR A 151 7.04 -16.46 7.52
C TYR A 151 7.87 -16.48 8.78
N ASP A 152 7.38 -15.77 9.79
CA ASP A 152 8.02 -15.78 11.10
C ASP A 152 6.91 -15.97 12.12
N GLU A 153 6.90 -17.09 12.81
CA GLU A 153 5.81 -17.41 13.68
C GLU A 153 5.73 -16.48 14.88
N SER A 154 6.77 -15.71 15.09
CA SER A 154 6.78 -14.80 16.20
C SER A 154 6.26 -13.38 15.86
N CYS A 155 5.92 -13.16 14.59
CA CYS A 155 5.27 -11.91 14.18
C CYS A 155 4.01 -11.68 15.00
N ASN A 156 3.68 -10.41 15.31
CA ASN A 156 2.48 -10.10 16.09
C ASN A 156 1.40 -9.46 15.26
N SER A 157 0.26 -10.13 15.15
CA SER A 157 -0.82 -9.62 14.29
C SER A 157 -1.52 -8.39 14.84
N ASP A 158 -1.28 -8.06 16.10
CA ASP A 158 -1.83 -6.88 16.72
C ASP A 158 -0.88 -5.69 16.74
N ASN A 159 0.33 -5.89 16.22
CA ASN A 159 1.37 -4.85 16.23
C ASN A 159 1.49 -4.32 14.80
N LEU A 160 0.48 -3.57 14.36
CA LEU A 160 0.49 -3.06 13.00
C LEU A 160 1.31 -1.77 12.93
N ASN A 161 2.52 -1.85 12.46
CA ASN A 161 3.43 -0.69 12.55
C ASN A 161 3.94 -0.24 11.17
N HIS A 162 3.51 -0.94 10.11
CA HIS A 162 4.01 -0.59 8.78
C HIS A 162 2.95 -0.84 7.71
N ALA A 163 2.81 0.08 6.78
CA ALA A 163 1.79 -0.02 5.73
C ALA A 163 2.48 -0.31 4.39
N VAL A 164 1.92 -1.25 3.64
CA VAL A 164 2.45 -1.69 2.35
C VAL A 164 1.29 -1.93 1.39
N LEU A 165 1.59 -2.51 0.22
CA LEU A 165 0.58 -2.67 -0.83
C LEU A 165 0.56 -4.09 -1.30
N ALA A 166 -0.61 -4.75 -1.21
CA ALA A 166 -0.75 -6.08 -1.75
C ALA A 166 -1.10 -6.00 -3.22
N VAL A 167 -0.18 -6.41 -4.09
CA VAL A 167 -0.38 -6.31 -5.53
C VAL A 167 -0.72 -7.64 -6.20
N GLY A 168 -0.86 -8.69 -5.39
CA GLY A 168 -1.14 -10.00 -5.95
C GLY A 168 -1.01 -11.10 -4.90
N TYR A 169 -1.10 -12.34 -5.35
CA TYR A 169 -0.96 -13.49 -4.49
C TYR A 169 -0.66 -14.67 -5.36
N GLY A 170 -0.16 -15.74 -4.74
CA GLY A 170 0.13 -16.95 -5.49
C GLY A 170 0.66 -18.01 -4.57
N ILE A 171 1.37 -18.96 -5.13
CA ILE A 171 2.00 -20.05 -4.37
C ILE A 171 3.39 -20.33 -4.91
N GLN A 172 4.37 -20.40 -4.03
CA GLN A 172 5.74 -20.72 -4.45
C GLN A 172 6.20 -21.97 -3.73
N LYS A 173 6.43 -23.04 -4.51
CA LYS A 173 6.81 -24.35 -3.96
C LYS A 173 5.94 -24.76 -2.80
N GLY A 174 4.62 -24.70 -2.98
CA GLY A 174 3.68 -25.13 -1.96
C GLY A 174 3.34 -24.12 -0.90
N ASN A 175 4.08 -23.01 -0.86
CA ASN A 175 3.84 -21.98 0.14
C ASN A 175 3.01 -20.84 -0.43
N LYS A 176 1.76 -20.74 0.01
CA LYS A 176 0.89 -19.65 -0.45
C LYS A 176 1.47 -18.33 0.03
N HIS A 177 1.31 -17.31 -0.79
CA HIS A 177 1.83 -15.98 -0.44
C HIS A 177 0.98 -14.84 -0.95
N TRP A 178 1.29 -13.67 -0.40
CA TRP A 178 0.85 -12.34 -0.85
C TRP A 178 2.08 -11.69 -1.51
N ILE A 179 1.86 -11.02 -2.64
CA ILE A 179 2.92 -10.22 -3.29
C ILE A 179 2.82 -8.82 -2.76
N ILE A 180 3.87 -8.38 -2.06
CA ILE A 180 3.82 -7.12 -1.32
C ILE A 180 4.85 -6.11 -1.81
N LYS A 181 4.36 -4.93 -2.18
CA LYS A 181 5.21 -3.81 -2.58
C LYS A 181 5.50 -2.96 -1.35
N ASN A 182 6.78 -2.81 -1.03
CA ASN A 182 7.19 -1.97 0.08
C ASN A 182 7.61 -0.59 -0.46
N SER A 183 7.98 0.31 0.46
CA SER A 183 8.43 1.66 0.13
C SER A 183 9.79 1.93 0.78
N TRP A 184 10.66 0.91 0.74
CA TRP A 184 11.99 1.01 1.31
C TRP A 184 13.03 1.00 0.21
N GLY A 185 12.62 1.38 -1.00
CA GLY A 185 13.52 1.43 -2.14
C GLY A 185 13.69 0.07 -2.83
N GLU A 186 14.27 0.10 -4.02
CA GLU A 186 14.52 -1.13 -4.77
C GLU A 186 15.63 -2.01 -4.21
N ASN A 187 16.47 -1.44 -3.38
CA ASN A 187 17.56 -2.22 -2.83
C ASN A 187 17.19 -3.03 -1.58
N TRP A 188 15.96 -2.87 -1.12
CA TRP A 188 15.46 -3.68 -0.03
C TRP A 188 14.74 -4.90 -0.58
N GLY A 189 14.86 -6.06 0.08
CA GLY A 189 14.07 -7.22 -0.26
C GLY A 189 14.43 -7.69 -1.66
N ASN A 190 13.39 -8.11 -2.41
CA ASN A 190 13.60 -8.59 -3.78
C ASN A 190 13.14 -7.51 -4.74
N LYS A 191 14.06 -6.61 -5.05
CA LYS A 191 13.79 -5.45 -5.87
C LYS A 191 12.66 -4.60 -5.30
N GLY A 192 12.62 -4.54 -3.97
CA GLY A 192 11.67 -3.74 -3.27
C GLY A 192 10.40 -4.45 -2.82
N TYR A 193 10.27 -5.71 -3.20
CA TYR A 193 9.12 -6.54 -2.89
C TYR A 193 9.43 -7.65 -1.89
N ILE A 194 8.37 -8.13 -1.24
CA ILE A 194 8.47 -9.30 -0.38
C ILE A 194 7.25 -10.19 -0.64
N LEU A 195 7.49 -11.50 -0.65
CA LEU A 195 6.38 -12.48 -0.64
C LEU A 195 6.11 -12.80 0.82
N MET A 196 4.86 -12.59 1.26
CA MET A 196 4.51 -12.84 2.68
C MET A 196 3.55 -13.99 2.78
N ALA A 197 3.75 -14.89 3.76
CA ALA A 197 2.89 -16.06 3.90
C ALA A 197 1.41 -15.73 3.92
N ARG A 198 0.67 -16.51 3.16
CA ARG A 198 -0.78 -16.38 3.04
C ARG A 198 -1.44 -17.64 3.61
N ASN A 199 -2.57 -17.45 4.28
CA ASN A 199 -3.36 -18.53 4.90
C ASN A 199 -2.56 -19.26 5.97
N LYS A 200 -1.67 -18.52 6.62
CA LYS A 200 -0.92 -19.01 7.78
C LYS A 200 -1.38 -18.25 9.00
N ASN A 201 -2.69 -18.34 9.30
CA ASN A 201 -3.24 -17.68 10.48
C ASN A 201 -2.98 -16.18 10.48
N ASN A 202 -3.16 -15.53 9.33
CA ASN A 202 -3.13 -14.06 9.28
C ASN A 202 -1.75 -13.57 9.72
N ALA A 203 -0.72 -14.18 9.14
CA ALA A 203 0.67 -13.92 9.56
C ALA A 203 1.03 -12.43 9.45
N CYS A 204 1.57 -11.91 10.55
CA CYS A 204 1.96 -10.49 10.66
C CYS A 204 0.78 -9.53 10.54
N GLY A 205 -0.44 -10.05 10.69
CA GLY A 205 -1.64 -9.23 10.72
C GLY A 205 -2.03 -8.65 9.37
N ILE A 206 -1.59 -9.27 8.32
CA ILE A 206 -1.81 -8.85 6.93
C ILE A 206 -3.27 -8.53 6.59
N ALA A 207 -4.21 -9.18 7.15
CA ALA A 207 -5.62 -8.88 6.84
C ALA A 207 -6.32 -8.10 7.96
N ASN A 208 -5.57 -7.52 8.89
CA ASN A 208 -6.20 -6.81 10.00
C ASN A 208 -6.56 -5.37 9.75
N LEU A 209 -5.94 -4.71 8.78
CA LEU A 209 -6.21 -3.30 8.52
C LEU A 209 -6.07 -3.05 7.01
N ALA A 210 -6.89 -3.73 6.22
CA ALA A 210 -6.80 -3.67 4.78
C ALA A 210 -7.93 -2.87 4.22
N SER A 211 -7.62 -2.05 3.24
CA SER A 211 -8.63 -1.17 2.63
C SER A 211 -8.26 -0.79 1.23
N PHE A 212 -9.25 -0.28 0.48
CA PHE A 212 -8.97 0.22 -0.86
C PHE A 212 -9.86 1.41 -1.17
N PRO A 213 -9.45 2.27 -2.11
CA PRO A 213 -10.29 3.39 -2.50
C PRO A 213 -11.30 3.05 -3.58
N LYS A 214 -12.43 3.74 -3.57
CA LYS A 214 -13.41 3.72 -4.67
C LYS A 214 -13.10 4.88 -5.63
N MET A 215 -13.29 4.67 -6.93
CA MET A 215 -13.00 5.74 -7.90
C MET A 215 -14.07 5.88 -8.97
C01 1XF B . 13.70 3.81 3.99
C02 1XF B . 14.43 2.85 3.31
C03 1XF B . 14.71 1.64 3.92
C04 1XF B . 14.28 1.37 5.21
C05 1XF B . 13.54 2.34 5.88
C06 1XF B . 13.26 3.56 5.28
C07 1XF B . 13.03 2.13 7.27
O08 1XF B . 12.28 3.00 7.80
O09 1XF B . 13.37 1.10 7.91
N10 1XF B . 14.54 0.11 5.85
C11 1XF B . 15.31 -0.89 5.36
O12 1XF B . 15.91 -0.85 4.29
C13 1XF B . 15.41 -2.14 6.19
S14 1XF B . 14.97 -2.10 7.93
C15 1XF B . 16.46 -1.42 8.59
O16 1XF B . 17.20 -0.76 7.88
N17 1XF B . 16.77 -1.70 9.86
C01 1XF C . -10.34 18.01 2.82
C02 1XF C . -9.61 19.07 2.32
C03 1XF C . -8.48 19.53 2.98
C04 1XF C . -8.05 18.98 4.17
C05 1XF C . -8.80 17.92 4.67
C06 1XF C . -9.92 17.43 4.01
C07 1XF C . -8.37 17.28 5.93
O08 1XF C . -7.51 17.74 6.68
O09 1XF C . -8.94 16.19 6.25
N10 1XF C . -6.89 19.44 4.88
C11 1XF C . -5.89 20.14 4.31
O12 1XF C . -5.87 20.44 3.11
C13 1XF C . -4.77 20.54 5.24
S14 1XF C . -5.40 21.05 6.84
C15 1XF C . -3.88 21.49 7.62
O16 1XF C . -3.28 22.46 7.20
N17 1XF C . -3.46 20.75 8.65
C01 1XF D . -17.40 -11.26 3.91
C02 1XF D . -17.16 -9.89 3.87
C03 1XF D . -16.33 -9.33 2.90
C04 1XF D . -15.74 -10.14 1.95
C05 1XF D . -15.99 -11.53 1.99
C06 1XF D . -16.82 -12.08 2.96
C07 1XF D . -15.37 -12.43 0.99
O08 1XF D . -14.83 -11.94 -0.04
O09 1XF D . -15.38 -13.71 1.18
N10 1XF D . -14.87 -9.66 0.90
C11 1XF D . -14.42 -8.39 0.79
O12 1XF D . -14.70 -7.51 1.59
C13 1XF D . -13.50 -8.12 -0.39
S14 1XF D . -14.11 -8.75 -1.96
C15 1XF D . -13.51 -7.50 -3.04
O16 1XF D . -13.11 -6.47 -2.55
N17 1XF D . -13.52 -7.74 -4.34
#